data_4RC6
#
_entry.id   4RC6
#
_cell.length_a   61.633
_cell.length_b   61.838
_cell.length_c   125.315
_cell.angle_alpha   90.00
_cell.angle_beta   90.00
_cell.angle_gamma   90.00
#
_symmetry.space_group_name_H-M   'P 21 21 21'
#
loop_
_entity.id
_entity.type
_entity.pdbx_description
1 polymer 'Aldehyde decarbonylase'
2 polymer 'Aldehyde decarbonylase'
3 non-polymer 'FE (II) ION'
4 water water
#
loop_
_entity_poly.entity_id
_entity_poly.type
_entity_poly.pdbx_seq_one_letter_code
_entity_poly.pdbx_strand_id
1 'polypeptide(L)'
;QSESYKDAYSRINAIVIEGEQEAFDNYNRLAEMLPDQRDELHKLAKMEQRHMKGFMACGKNLSVTPDMGFAQKFFERLHE
NFKAAAAEGKVVTCLLIQSLIIECFAIAAFNIYIPVADAFARKITEGVVRDEYLHRNFGEEWLKANFDASKAELEEANRQ
NLPLVWLMLNEVADDARELGMERESLVEDFMIAYGEALENIGFTTREIMRMSAYG
;
A
2 'polypeptide(L)'
;SYKDAYSRINAIVIEGEQEAFDNYNRLAEMLPDQRDELHKLAKMEQRHMKGFMACGKNLSVTPDMGFAQKFFERLHENFK
AAAAEGKVVTCLLIQSLIIECFAIAAFNIYIPVADAFARKITEGVVRDEYLHRNFGEEWLKANFDASKAELEEANRQNLP
LVWLMLNEVADDARELGMERESLVEDFMIAYGEALENIGFTTREIMRMSAYG
;
B
#
loop_
_chem_comp.id
_chem_comp.type
_chem_comp.name
_chem_comp.formula
FE2 non-polymer 'FE (II) ION' 'Fe 2'
#
# COMPACT_ATOMS: atom_id res chain seq x y z
N GLN A 1 33.02 0.34 10.23
CA GLN A 1 33.97 -0.77 10.33
C GLN A 1 33.81 -1.51 11.60
N SER A 2 32.61 -1.52 12.12
CA SER A 2 32.35 -2.17 13.35
C SER A 2 31.89 -3.56 13.09
N GLU A 3 31.48 -4.25 14.13
CA GLU A 3 31.10 -5.65 13.97
C GLU A 3 29.79 -5.77 13.20
N SER A 4 28.79 -4.98 13.60
CA SER A 4 27.42 -5.11 13.11
C SER A 4 27.12 -4.57 11.71
N TYR A 5 27.72 -3.44 11.36
CA TYR A 5 27.59 -2.82 10.06
C TYR A 5 28.10 -3.68 8.91
N LYS A 6 29.29 -4.22 9.10
CA LYS A 6 29.93 -5.11 8.13
C LYS A 6 29.06 -6.32 7.83
N ASP A 7 28.45 -6.89 8.88
CA ASP A 7 27.55 -8.02 8.70
C ASP A 7 26.38 -7.62 7.83
N ALA A 8 25.75 -6.51 8.18
CA ALA A 8 24.64 -5.95 7.42
C ALA A 8 25.12 -5.65 6.01
N TYR A 9 26.35 -5.17 5.90
CA TYR A 9 26.88 -4.83 4.60
C TYR A 9 27.19 -6.08 3.77
N SER A 10 27.38 -7.22 4.41
CA SER A 10 27.69 -8.41 3.63
C SER A 10 26.48 -8.79 2.74
N ARG A 11 25.26 -8.65 3.25
CA ARG A 11 24.13 -9.06 2.45
C ARG A 11 23.56 -7.98 1.57
N ILE A 12 23.50 -6.76 2.09
CA ILE A 12 23.04 -5.62 1.34
C ILE A 12 23.92 -5.37 0.15
N ASN A 13 25.23 -5.33 0.40
CA ASN A 13 26.11 -5.14 -0.72
C ASN A 13 25.97 -6.26 -1.73
N ALA A 14 25.81 -7.48 -1.23
CA ALA A 14 25.52 -8.63 -2.11
C ALA A 14 24.24 -8.39 -2.87
N ILE A 15 23.24 -7.83 -2.22
CA ILE A 15 22.01 -7.54 -2.93
C ILE A 15 22.24 -6.52 -4.10
N VAL A 16 23.00 -5.46 -3.87
CA VAL A 16 23.18 -4.49 -4.97
C VAL A 16 24.02 -5.16 -6.05
N ILE A 17 25.00 -6.00 -5.68
CA ILE A 17 25.82 -6.61 -6.71
C ILE A 17 24.97 -7.51 -7.62
N GLU A 18 24.13 -8.35 -7.01
CA GLU A 18 23.29 -9.30 -7.69
C GLU A 18 22.24 -8.61 -8.52
N GLY A 19 21.65 -7.55 -7.96
CA GLY A 19 20.70 -6.74 -8.67
C GLY A 19 21.32 -6.18 -9.92
N GLU A 20 22.58 -5.78 -9.84
CA GLU A 20 23.24 -5.16 -10.99
C GLU A 20 23.63 -6.14 -12.10
N GLN A 21 24.06 -7.33 -11.76
CA GLN A 21 24.42 -8.35 -12.72
C GLN A 21 23.19 -8.73 -13.44
N GLU A 22 22.17 -8.94 -12.66
CA GLU A 22 20.83 -9.25 -13.13
C GLU A 22 20.29 -8.19 -14.06
N ALA A 23 20.40 -6.94 -13.65
CA ALA A 23 19.92 -5.86 -14.47
C ALA A 23 20.67 -5.88 -15.81
N PHE A 24 21.96 -6.14 -15.76
CA PHE A 24 22.76 -6.28 -16.98
C PHE A 24 22.15 -7.35 -17.91
N ASP A 25 21.96 -8.55 -17.38
CA ASP A 25 21.45 -9.66 -18.19
C ASP A 25 20.07 -9.39 -18.77
N ASN A 26 19.26 -8.63 -18.04
CA ASN A 26 17.89 -8.32 -18.44
C ASN A 26 17.83 -7.34 -19.60
N TYR A 27 18.77 -6.41 -19.65
CA TYR A 27 18.79 -5.45 -20.74
C TYR A 27 19.28 -6.10 -22.04
N ASN A 28 20.39 -6.85 -21.99
CA ASN A 28 20.78 -7.66 -23.12
C ASN A 28 19.61 -8.57 -23.62
N ARG A 29 18.84 -9.15 -22.71
CA ARG A 29 17.68 -9.96 -23.13
C ARG A 29 16.53 -9.10 -23.78
N LEU A 30 16.24 -7.92 -23.25
CA LEU A 30 15.23 -7.01 -23.83
C LEU A 30 15.64 -6.58 -25.23
N ALA A 31 16.94 -6.34 -25.36
CA ALA A 31 17.57 -6.00 -26.64
C ALA A 31 17.07 -6.89 -27.77
N GLU A 32 16.88 -8.17 -27.46
CA GLU A 32 16.53 -9.14 -28.48
C GLU A 32 15.06 -9.03 -28.80
N MET A 33 14.23 -8.87 -27.79
CA MET A 33 12.79 -8.76 -28.02
C MET A 33 12.34 -7.46 -28.69
N LEU A 34 13.17 -6.43 -28.54
CA LEU A 34 12.90 -5.12 -29.12
C LEU A 34 14.05 -4.69 -30.01
N PRO A 35 14.17 -5.28 -31.21
CA PRO A 35 15.40 -5.07 -31.99
C PRO A 35 15.58 -3.64 -32.50
N ASP A 36 14.49 -2.93 -32.84
CA ASP A 36 14.57 -1.52 -33.30
C ASP A 36 15.37 -0.57 -32.36
N GLN A 37 15.44 -0.88 -31.07
CA GLN A 37 16.10 -0.01 -30.09
C GLN A 37 17.26 -0.74 -29.46
N ARG A 38 18.00 -1.50 -30.27
CA ARG A 38 18.88 -2.50 -29.72
C ARG A 38 20.14 -1.94 -29.07
N ASP A 39 20.80 -0.98 -29.68
CA ASP A 39 22.08 -0.58 -29.11
C ASP A 39 22.03 0.51 -28.03
N GLU A 40 20.91 1.21 -27.90
CA GLU A 40 20.80 2.10 -26.74
C GLU A 40 20.40 1.26 -25.53
N LEU A 41 19.82 0.10 -25.79
CA LEU A 41 19.64 -0.91 -24.76
C LEU A 41 20.96 -1.51 -24.34
N HIS A 42 21.70 -1.97 -25.35
CA HIS A 42 23.04 -2.48 -25.15
C HIS A 42 23.86 -1.53 -24.28
N LYS A 43 23.66 -0.23 -24.44
CA LYS A 43 24.39 0.74 -23.63
C LYS A 43 23.85 0.83 -22.21
N LEU A 44 22.53 0.73 -22.04
CA LEU A 44 21.96 0.55 -20.70
C LEU A 44 22.58 -0.68 -20.03
N ALA A 45 22.70 -1.75 -20.81
CA ALA A 45 23.31 -2.98 -20.33
C ALA A 45 24.73 -2.72 -19.88
N LYS A 46 25.58 -2.29 -20.82
CA LYS A 46 27.02 -2.23 -20.57
C LYS A 46 27.34 -1.19 -19.50
N MET A 47 26.44 -0.24 -19.34
CA MET A 47 26.44 0.62 -18.17
C MET A 47 26.24 -0.15 -16.85
N GLU A 48 25.18 -0.95 -16.77
CA GLU A 48 24.90 -1.73 -15.56
C GLU A 48 26.13 -2.47 -15.00
N GLN A 49 27.00 -2.84 -15.89
CA GLN A 49 28.10 -3.64 -15.50
C GLN A 49 29.20 -2.90 -14.85
N ARG A 50 29.35 -1.65 -15.21
CA ARG A 50 30.28 -0.78 -14.49
C ARG A 50 29.75 -0.38 -13.10
N HIS A 51 28.43 -0.55 -12.88
CA HIS A 51 27.84 -0.35 -11.54
C HIS A 51 28.24 -1.47 -10.59
N MET A 52 28.11 -2.71 -11.10
CA MET A 52 28.51 -3.96 -10.43
C MET A 52 29.96 -3.83 -9.88
N LYS A 53 30.91 -3.52 -10.77
CA LYS A 53 32.29 -3.20 -10.38
C LYS A 53 32.33 -2.05 -9.34
N GLY A 54 31.53 -1.02 -9.56
CA GLY A 54 31.44 0.06 -8.60
C GLY A 54 31.18 -0.47 -7.20
N PHE A 55 30.11 -1.22 -7.07
CA PHE A 55 29.69 -1.69 -5.78
C PHE A 55 30.55 -2.81 -5.22
N MET A 56 31.29 -3.52 -6.08
CA MET A 56 32.30 -4.45 -5.57
C MET A 56 33.39 -3.66 -4.83
N ALA A 57 33.84 -2.56 -5.43
CA ALA A 57 34.82 -1.68 -4.80
C ALA A 57 34.40 -1.20 -3.40
N CYS A 58 33.13 -0.88 -3.19
CA CYS A 58 32.70 -0.37 -1.88
C CYS A 58 32.74 -1.43 -0.76
N GLY A 59 32.62 -2.68 -1.17
CA GLY A 59 32.68 -3.78 -0.22
C GLY A 59 34.14 -4.03 0.10
N LYS A 60 34.95 -4.11 -0.93
CA LYS A 60 36.39 -4.24 -0.73
C LYS A 60 36.94 -3.11 0.14
N ASN A 61 36.48 -1.88 -0.10
CA ASN A 61 36.79 -0.71 0.71
C ASN A 61 36.63 -0.92 2.22
N LEU A 62 35.47 -1.43 2.62
CA LEU A 62 35.16 -1.74 4.00
C LEU A 62 35.69 -3.09 4.42
N SER A 63 36.22 -3.80 3.46
CA SER A 63 36.85 -5.03 3.73
C SER A 63 35.85 -6.09 4.14
N VAL A 64 34.83 -6.25 3.31
CA VAL A 64 33.76 -7.21 3.57
C VAL A 64 33.40 -8.18 2.45
N THR A 65 33.25 -9.45 2.77
CA THR A 65 32.85 -10.43 1.78
C THR A 65 31.34 -10.45 1.59
N PRO A 66 30.90 -10.26 0.33
CA PRO A 66 29.47 -10.27 0.11
C PRO A 66 28.96 -11.69 0.17
N ASP A 67 27.72 -11.80 0.59
CA ASP A 67 26.98 -13.02 0.71
C ASP A 67 26.17 -13.27 -0.58
N MET A 68 26.80 -13.71 -1.66
CA MET A 68 26.09 -13.91 -2.95
C MET A 68 24.92 -14.88 -2.92
N GLY A 69 24.97 -15.86 -2.04
CA GLY A 69 23.90 -16.82 -1.92
C GLY A 69 22.61 -16.16 -1.50
N PHE A 70 22.72 -15.35 -0.46
CA PHE A 70 21.59 -14.58 0.05
C PHE A 70 21.01 -13.73 -1.06
N ALA A 71 21.89 -12.97 -1.71
CA ALA A 71 21.47 -12.11 -2.77
C ALA A 71 20.74 -12.90 -3.87
N GLN A 72 21.36 -13.98 -4.33
CA GLN A 72 20.84 -14.69 -5.49
C GLN A 72 19.47 -15.26 -5.18
N LYS A 73 19.19 -15.63 -3.94
CA LYS A 73 17.85 -16.10 -3.64
C LYS A 73 16.96 -14.95 -3.15
N PHE A 74 17.59 -13.84 -2.79
CA PHE A 74 16.83 -12.61 -2.57
C PHE A 74 16.04 -12.27 -3.83
N PHE A 75 16.72 -12.43 -4.95
CA PHE A 75 16.18 -12.12 -6.25
C PHE A 75 15.47 -13.24 -7.02
N GLU A 76 15.52 -14.47 -6.53
CA GLU A 76 15.01 -15.62 -7.27
C GLU A 76 13.63 -15.40 -7.87
N ARG A 77 12.68 -15.04 -7.02
CA ARG A 77 11.32 -14.95 -7.49
C ARG A 77 11.09 -13.95 -8.62
N LEU A 78 11.68 -12.76 -8.59
CA LEU A 78 11.57 -11.86 -9.74
C LEU A 78 12.25 -12.32 -11.01
N HIS A 79 13.53 -12.65 -10.91
CA HIS A 79 14.28 -13.04 -12.07
C HIS A 79 13.55 -14.10 -12.83
N GLU A 80 13.00 -15.08 -12.12
CA GLU A 80 12.37 -16.17 -12.80
C GLU A 80 11.07 -15.70 -13.42
N ASN A 81 10.43 -14.73 -12.80
CA ASN A 81 9.23 -14.10 -13.40
C ASN A 81 9.57 -13.32 -14.66
N PHE A 82 10.74 -12.70 -14.66
CA PHE A 82 11.24 -11.99 -15.84
C PHE A 82 11.56 -12.94 -16.97
N LYS A 83 12.31 -13.96 -16.61
CA LYS A 83 12.76 -14.95 -17.54
C LYS A 83 11.53 -15.60 -18.17
N ALA A 84 10.51 -15.93 -17.38
CA ALA A 84 9.31 -16.57 -17.91
C ALA A 84 8.57 -15.65 -18.87
N ALA A 85 8.70 -14.35 -18.69
CA ALA A 85 8.11 -13.43 -19.66
C ALA A 85 9.02 -13.27 -20.89
N ALA A 86 10.33 -13.31 -20.70
CA ALA A 86 11.24 -13.20 -21.84
C ALA A 86 10.95 -14.36 -22.79
N ALA A 87 10.80 -15.55 -22.21
CA ALA A 87 10.61 -16.77 -22.99
C ALA A 87 9.27 -16.77 -23.72
N GLU A 88 8.36 -15.87 -23.33
CA GLU A 88 7.11 -15.74 -24.08
C GLU A 88 7.11 -14.51 -24.98
N GLY A 89 8.28 -13.87 -25.15
CA GLY A 89 8.35 -12.63 -25.88
C GLY A 89 7.34 -11.62 -25.34
N LYS A 90 7.00 -11.70 -24.04
CA LYS A 90 6.18 -10.63 -23.45
C LYS A 90 7.09 -9.51 -22.92
N VAL A 91 7.27 -8.49 -23.75
CA VAL A 91 8.31 -7.50 -23.50
C VAL A 91 7.78 -6.49 -22.49
N VAL A 92 6.46 -6.28 -22.49
CA VAL A 92 5.82 -5.35 -21.57
C VAL A 92 6.14 -5.67 -20.11
N THR A 93 5.91 -6.92 -19.73
CA THR A 93 6.21 -7.38 -18.39
C THR A 93 7.69 -7.23 -18.07
N CYS A 94 8.52 -7.54 -19.04
CA CYS A 94 9.93 -7.47 -18.83
C CYS A 94 10.30 -6.05 -18.52
N LEU A 95 9.70 -5.11 -19.23
CA LEU A 95 9.94 -3.68 -18.95
C LEU A 95 9.34 -3.27 -17.60
N LEU A 96 8.12 -3.69 -17.28
CA LEU A 96 7.51 -3.34 -15.99
C LEU A 96 8.32 -3.86 -14.83
N ILE A 97 8.75 -5.12 -14.94
CA ILE A 97 9.57 -5.71 -13.89
C ILE A 97 10.87 -4.94 -13.74
N GLN A 98 11.68 -4.91 -14.78
CA GLN A 98 13.03 -4.34 -14.71
C GLN A 98 13.17 -2.80 -14.69
N SER A 99 12.60 -2.13 -15.67
CA SER A 99 12.78 -0.69 -15.80
C SER A 99 11.90 0.06 -14.80
N LEU A 100 10.67 -0.38 -14.53
CA LEU A 100 9.89 0.41 -13.57
C LEU A 100 10.07 -0.05 -12.16
N ILE A 101 9.81 -1.32 -11.89
CA ILE A 101 9.84 -1.78 -10.50
C ILE A 101 11.27 -1.87 -10.00
N ILE A 102 12.15 -2.55 -10.75
CA ILE A 102 13.50 -2.74 -10.27
C ILE A 102 14.27 -1.44 -10.12
N GLU A 103 14.30 -0.57 -11.14
CA GLU A 103 15.02 0.71 -11.02
C GLU A 103 14.41 1.66 -9.93
N CYS A 104 13.09 1.80 -9.89
CA CYS A 104 12.47 2.61 -8.86
C CYS A 104 12.88 2.08 -7.46
N PHE A 105 12.97 0.77 -7.31
CA PHE A 105 13.50 0.23 -6.07
C PHE A 105 14.92 0.75 -5.84
N ALA A 106 15.77 0.66 -6.87
CA ALA A 106 17.14 1.20 -6.80
C ALA A 106 17.23 2.71 -6.49
N ILE A 107 16.44 3.50 -7.23
CA ILE A 107 16.45 4.97 -7.09
C ILE A 107 16.11 5.37 -5.68
N ALA A 108 15.07 4.76 -5.13
CA ALA A 108 14.66 5.05 -3.76
C ALA A 108 15.70 4.55 -2.75
N ALA A 109 16.28 3.35 -2.95
CA ALA A 109 17.24 2.85 -1.93
C ALA A 109 18.52 3.68 -1.92
N PHE A 110 19.11 3.92 -3.08
CA PHE A 110 20.35 4.71 -3.12
C PHE A 110 20.21 6.11 -2.53
N ASN A 111 19.22 6.88 -2.98
CA ASN A 111 18.95 8.23 -2.42
C ASN A 111 18.83 8.19 -0.86
N ILE A 112 18.37 7.06 -0.35
CA ILE A 112 18.32 6.79 1.07
C ILE A 112 19.70 6.32 1.57
N TYR A 113 20.52 5.73 0.70
CA TYR A 113 21.84 5.25 1.16
C TYR A 113 22.93 6.35 1.26
N ILE A 114 22.97 7.18 0.23
CA ILE A 114 23.86 8.30 0.07
C ILE A 114 24.06 9.18 1.29
N PRO A 115 22.97 9.61 1.96
CA PRO A 115 23.29 10.53 3.07
C PRO A 115 23.91 9.78 4.24
N VAL A 116 23.76 8.46 4.28
CA VAL A 116 24.35 7.71 5.39
C VAL A 116 25.55 6.84 4.99
N ALA A 117 26.01 6.94 3.75
CA ALA A 117 27.11 6.07 3.33
C ALA A 117 28.43 6.57 3.88
N ASP A 118 29.39 5.66 4.08
CA ASP A 118 30.71 6.08 4.49
C ASP A 118 31.34 6.59 3.18
N ALA A 119 32.23 7.57 3.30
CA ALA A 119 32.64 8.50 2.21
C ALA A 119 32.96 7.96 0.81
N PHE A 120 33.64 6.83 0.67
CA PHE A 120 33.94 6.32 -0.67
C PHE A 120 32.65 5.85 -1.32
N ALA A 121 31.74 5.32 -0.49
CA ALA A 121 30.52 4.74 -1.03
C ALA A 121 29.51 5.79 -1.51
N ARG A 122 29.40 6.93 -0.83
CA ARG A 122 28.47 7.93 -1.35
C ARG A 122 29.01 8.53 -2.65
N LYS A 123 30.30 8.41 -2.91
CA LYS A 123 30.80 8.93 -4.16
C LYS A 123 30.30 8.10 -5.33
N ILE A 124 30.53 6.80 -5.27
CA ILE A 124 30.06 5.92 -6.34
C ILE A 124 28.52 5.87 -6.52
N THR A 125 27.78 5.85 -5.41
CA THR A 125 26.34 5.76 -5.47
C THR A 125 25.73 7.01 -6.10
N GLU A 126 26.27 8.19 -5.79
CA GLU A 126 25.82 9.38 -6.50
C GLU A 126 26.10 9.21 -7.99
N GLY A 127 27.23 8.58 -8.27
CA GLY A 127 27.60 8.22 -9.63
C GLY A 127 26.60 7.28 -10.27
N VAL A 128 26.11 6.30 -9.51
CA VAL A 128 25.13 5.36 -10.06
C VAL A 128 23.73 5.96 -10.18
N VAL A 129 23.29 6.73 -9.19
CA VAL A 129 21.87 7.12 -9.13
C VAL A 129 21.50 7.96 -10.36
N ARG A 130 22.45 8.77 -10.82
CA ARG A 130 22.40 9.49 -12.09
C ARG A 130 21.96 8.59 -13.24
N ASP A 131 22.55 7.40 -13.27
CA ASP A 131 22.37 6.48 -14.38
C ASP A 131 21.03 5.75 -14.33
N GLU A 132 20.54 5.45 -13.13
CA GLU A 132 19.25 4.75 -13.05
C GLU A 132 18.03 5.66 -13.38
N TYR A 133 18.10 6.96 -13.10
CA TYR A 133 17.05 7.88 -13.56
C TYR A 133 16.79 7.76 -15.06
N LEU A 134 17.87 7.60 -15.83
CA LEU A 134 17.78 7.35 -17.27
C LEU A 134 17.18 5.97 -17.60
N HIS A 135 17.52 4.95 -16.82
CA HIS A 135 16.98 3.60 -17.06
C HIS A 135 15.48 3.60 -16.84
N ARG A 136 15.06 4.26 -15.76
CA ARG A 136 13.65 4.41 -15.48
C ARG A 136 12.97 5.15 -16.62
N ASN A 137 13.60 6.23 -17.06
CA ASN A 137 13.07 7.00 -18.18
C ASN A 137 12.88 6.16 -19.45
N PHE A 138 13.84 5.32 -19.79
CA PHE A 138 13.70 4.51 -21.01
C PHE A 138 12.49 3.60 -20.97
N GLY A 139 12.32 2.90 -19.86
CA GLY A 139 11.18 2.03 -19.69
C GLY A 139 9.93 2.87 -19.75
N GLU A 140 10.01 4.05 -19.15
CA GLU A 140 8.92 5.04 -19.17
C GLU A 140 8.58 5.57 -20.59
N GLU A 141 9.58 5.90 -21.40
CA GLU A 141 9.30 6.38 -22.76
C GLU A 141 8.61 5.29 -23.56
N TRP A 142 9.15 4.09 -23.50
CA TRP A 142 8.65 3.02 -24.33
C TRP A 142 7.22 2.68 -23.99
N LEU A 143 6.95 2.51 -22.69
CA LEU A 143 5.64 2.10 -22.24
C LEU A 143 4.57 3.14 -22.51
N LYS A 144 4.92 4.40 -22.29
CA LYS A 144 4.00 5.50 -22.53
C LYS A 144 3.68 5.61 -24.01
N ALA A 145 4.66 5.30 -24.84
CA ALA A 145 4.46 5.32 -26.30
C ALA A 145 3.55 4.18 -26.79
N ASN A 146 3.52 3.08 -26.05
CA ASN A 146 2.68 1.99 -26.46
C ASN A 146 1.60 1.65 -25.43
N PHE A 147 1.22 2.65 -24.62
CA PHE A 147 0.36 2.46 -23.46
C PHE A 147 -0.91 1.68 -23.79
N ASP A 148 -1.59 2.05 -24.87
CA ASP A 148 -2.87 1.41 -25.18
C ASP A 148 -2.73 -0.09 -25.50
N ALA A 149 -1.77 -0.47 -26.33
CA ALA A 149 -1.55 -1.88 -26.58
C ALA A 149 -1.05 -2.57 -25.31
N SER A 150 -0.27 -1.87 -24.50
CA SER A 150 0.43 -2.51 -23.39
C SER A 150 -0.34 -2.64 -22.08
N LYS A 151 -1.41 -1.87 -21.92
CA LYS A 151 -2.03 -1.70 -20.59
C LYS A 151 -2.61 -2.97 -19.97
N ALA A 152 -3.31 -3.79 -20.74
CA ALA A 152 -3.91 -5.00 -20.11
C ALA A 152 -2.86 -5.90 -19.42
N GLU A 153 -1.73 -6.06 -20.08
CA GLU A 153 -0.63 -6.88 -19.61
C GLU A 153 0.15 -6.25 -18.46
N LEU A 154 0.33 -4.92 -18.53
CA LEU A 154 0.91 -4.12 -17.47
C LEU A 154 0.14 -4.34 -16.18
N GLU A 155 -1.17 -4.17 -16.27
CA GLU A 155 -2.02 -4.48 -15.16
C GLU A 155 -1.74 -5.91 -14.62
N GLU A 156 -1.62 -6.90 -15.49
CA GLU A 156 -1.37 -8.27 -15.00
C GLU A 156 0.05 -8.47 -14.44
N ALA A 157 1.03 -7.87 -15.11
CA ALA A 157 2.42 -7.91 -14.68
C ALA A 157 2.63 -7.23 -13.33
N ASN A 158 1.80 -6.23 -13.05
CA ASN A 158 1.87 -5.54 -11.77
C ASN A 158 1.45 -6.37 -10.57
N ARG A 159 0.27 -6.99 -10.64
CA ARG A 159 -0.18 -7.82 -9.54
C ARG A 159 0.74 -9.03 -9.36
N GLN A 160 1.38 -9.49 -10.42
CA GLN A 160 2.23 -10.67 -10.25
C GLN A 160 3.60 -10.37 -9.68
N ASN A 161 4.10 -9.14 -9.81
CA ASN A 161 5.46 -8.90 -9.33
C ASN A 161 5.54 -7.83 -8.26
N LEU A 162 4.54 -6.97 -8.17
CA LEU A 162 4.59 -5.94 -7.13
C LEU A 162 4.57 -6.59 -5.70
N PRO A 163 3.78 -7.66 -5.46
CA PRO A 163 3.90 -8.33 -4.17
C PRO A 163 5.30 -8.82 -3.82
N LEU A 164 6.06 -9.25 -4.83
CA LEU A 164 7.41 -9.75 -4.57
C LEU A 164 8.42 -8.68 -4.12
N VAL A 165 8.22 -7.43 -4.50
CA VAL A 165 9.15 -6.41 -4.07
C VAL A 165 8.93 -6.08 -2.63
N TRP A 166 7.67 -6.10 -2.20
CA TRP A 166 7.40 -5.84 -0.79
C TRP A 166 8.04 -6.87 0.09
N LEU A 167 8.05 -8.13 -0.34
CA LEU A 167 8.77 -9.15 0.41
C LEU A 167 10.26 -8.83 0.43
N MET A 168 10.75 -8.37 -0.72
CA MET A 168 12.12 -7.97 -0.84
C MET A 168 12.36 -6.77 0.08
N LEU A 169 11.48 -5.80 0.04
CA LEU A 169 11.65 -4.67 0.92
C LEU A 169 11.56 -5.03 2.38
N ASN A 170 10.74 -6.02 2.72
CA ASN A 170 10.63 -6.34 4.13
C ASN A 170 11.77 -7.17 4.63
N GLU A 171 12.39 -7.92 3.73
CA GLU A 171 13.57 -8.71 4.02
C GLU A 171 14.75 -7.78 4.30
N VAL A 172 14.96 -6.80 3.42
CA VAL A 172 16.03 -5.84 3.67
C VAL A 172 15.92 -5.08 4.99
N ALA A 173 14.70 -4.82 5.37
CA ALA A 173 14.41 -3.95 6.51
C ALA A 173 15.38 -3.96 7.65
N ASP A 174 15.80 -5.11 8.09
CA ASP A 174 16.61 -5.15 9.29
C ASP A 174 18.06 -4.72 8.96
N ASP A 175 18.67 -5.37 7.98
CA ASP A 175 20.02 -5.03 7.49
C ASP A 175 20.15 -3.63 6.88
N ALA A 176 19.02 -2.98 6.63
CA ALA A 176 19.03 -1.63 6.13
C ALA A 176 19.09 -0.72 7.33
N ARG A 177 18.42 -1.13 8.41
CA ARG A 177 18.42 -0.28 9.59
C ARG A 177 19.85 -0.09 10.12
N GLU A 178 20.65 -1.15 10.17
CA GLU A 178 22.01 -1.00 10.71
C GLU A 178 22.95 -0.27 9.76
N LEU A 179 22.52 -0.08 8.53
CA LEU A 179 23.19 0.82 7.62
C LEU A 179 22.69 2.25 7.77
N GLY A 180 21.76 2.47 8.70
CA GLY A 180 21.20 3.80 8.94
C GLY A 180 20.08 4.13 7.97
N MET A 181 19.44 3.12 7.40
CA MET A 181 18.32 3.39 6.50
C MET A 181 16.97 3.14 7.18
N GLU A 182 16.22 4.21 7.41
CA GLU A 182 14.97 4.07 8.14
C GLU A 182 13.92 3.56 7.17
N ARG A 183 13.34 2.41 7.53
CA ARG A 183 12.52 1.60 6.64
C ARG A 183 11.35 2.33 6.07
N GLU A 184 10.71 3.17 6.87
CA GLU A 184 9.65 4.04 6.36
C GLU A 184 10.07 4.89 5.17
N SER A 185 11.32 5.34 5.15
CA SER A 185 11.80 6.08 4.01
C SER A 185 11.88 5.18 2.79
N LEU A 186 12.33 3.95 2.94
CA LEU A 186 12.35 3.02 1.82
C LEU A 186 10.99 2.74 1.31
N VAL A 187 10.08 2.52 2.25
CA VAL A 187 8.75 2.12 1.88
C VAL A 187 8.07 3.28 1.21
N GLU A 188 8.00 4.41 1.89
CA GLU A 188 7.44 5.67 1.35
C GLU A 188 8.02 6.05 -0.02
N ASP A 189 9.34 5.96 -0.14
CA ASP A 189 10.01 6.48 -1.34
C ASP A 189 9.86 5.60 -2.57
N PHE A 190 9.70 4.29 -2.37
CA PHE A 190 9.50 3.37 -3.51
C PHE A 190 8.08 3.50 -4.10
N MET A 191 7.09 3.52 -3.23
CA MET A 191 5.73 3.76 -3.69
C MET A 191 5.56 5.08 -4.45
N ILE A 192 6.10 6.17 -3.93
CA ILE A 192 5.95 7.41 -4.65
C ILE A 192 6.70 7.33 -5.98
N ALA A 193 7.90 6.79 -5.97
CA ALA A 193 8.61 6.67 -7.22
C ALA A 193 7.78 5.83 -8.23
N TYR A 194 7.24 4.70 -7.78
CA TYR A 194 6.54 3.80 -8.68
C TYR A 194 5.22 4.40 -9.14
N GLY A 195 4.49 4.98 -8.19
CA GLY A 195 3.26 5.70 -8.47
C GLY A 195 3.39 6.83 -9.47
N GLU A 196 4.45 7.64 -9.31
CA GLU A 196 4.74 8.67 -10.29
C GLU A 196 5.07 8.02 -11.64
N ALA A 197 5.87 6.97 -11.59
CA ALA A 197 6.21 6.23 -12.81
C ALA A 197 4.96 5.70 -13.52
N LEU A 198 4.00 5.14 -12.78
CA LEU A 198 2.77 4.67 -13.40
C LEU A 198 1.95 5.77 -14.09
N GLU A 199 1.75 6.85 -13.35
CA GLU A 199 1.04 8.04 -13.84
C GLU A 199 1.69 8.59 -15.12
N ASN A 200 3.01 8.77 -15.11
CA ASN A 200 3.70 9.27 -16.27
C ASN A 200 3.43 8.42 -17.53
N ILE A 201 3.36 7.10 -17.33
CA ILE A 201 3.11 6.11 -18.38
C ILE A 201 1.77 6.24 -19.11
N GLY A 202 0.73 6.61 -18.36
CA GLY A 202 -0.61 6.74 -18.90
C GLY A 202 -1.69 6.27 -17.95
N PHE A 203 -1.29 5.83 -16.76
CA PHE A 203 -2.28 5.41 -15.77
C PHE A 203 -2.89 6.59 -15.05
N THR A 204 -4.16 6.47 -14.72
CA THR A 204 -4.84 7.54 -14.01
C THR A 204 -4.60 7.33 -12.55
N THR A 205 -4.91 8.34 -11.73
CA THR A 205 -4.62 8.28 -10.30
C THR A 205 -5.38 7.18 -9.56
N ARG A 206 -6.62 6.91 -9.97
CA ARG A 206 -7.44 5.90 -9.30
C ARG A 206 -6.91 4.52 -9.60
N GLU A 207 -6.58 4.30 -10.87
CA GLU A 207 -6.01 3.06 -11.33
C GLU A 207 -4.78 2.75 -10.53
N ILE A 208 -3.90 3.74 -10.44
CA ILE A 208 -2.63 3.58 -9.77
C ILE A 208 -2.81 3.14 -8.35
N MET A 209 -3.83 3.70 -7.70
CA MET A 209 -4.14 3.32 -6.34
C MET A 209 -4.43 1.84 -6.20
N ARG A 210 -5.14 1.33 -7.19
CA ARG A 210 -5.63 -0.04 -7.18
C ARG A 210 -4.49 -1.00 -7.34
N MET A 211 -3.46 -0.57 -8.06
CA MET A 211 -2.33 -1.41 -8.43
C MET A 211 -1.37 -1.54 -7.26
N SER A 212 -1.13 -0.44 -6.58
CA SER A 212 -0.24 -0.41 -5.42
C SER A 212 -0.74 -1.35 -4.35
N ALA A 213 -2.04 -1.52 -4.33
CA ALA A 213 -2.75 -2.23 -3.28
C ALA A 213 -2.54 -3.69 -3.28
N TYR A 214 -1.60 -4.17 -4.04
CA TYR A 214 -1.30 -5.61 -3.97
C TYR A 214 -0.08 -6.00 -3.13
N GLY A 215 0.26 -5.21 -2.11
CA GLY A 215 1.32 -5.60 -1.21
C GLY A 215 0.85 -6.00 0.18
N SER B 1 -17.64 -24.12 14.84
CA SER B 1 -16.53 -23.19 14.71
C SER B 1 -16.91 -21.94 13.92
N TYR B 2 -17.70 -22.11 12.86
CA TYR B 2 -18.22 -20.95 12.14
C TYR B 2 -19.02 -20.24 13.18
N LYS B 3 -19.70 -21.04 13.98
CA LYS B 3 -20.54 -20.55 15.04
C LYS B 3 -19.84 -19.48 15.94
N ASP B 4 -18.68 -19.76 16.54
CA ASP B 4 -17.90 -18.77 17.32
C ASP B 4 -17.33 -17.68 16.47
N ALA B 5 -16.73 -18.04 15.34
CA ALA B 5 -16.11 -17.05 14.49
C ALA B 5 -17.08 -15.93 14.22
N TYR B 6 -18.23 -16.32 13.71
CA TYR B 6 -19.27 -15.40 13.44
C TYR B 6 -19.62 -14.64 14.67
N SER B 7 -19.23 -15.15 15.83
CA SER B 7 -19.63 -14.59 17.12
C SER B 7 -19.13 -13.17 17.31
N ARG B 8 -17.85 -12.94 17.07
CA ARG B 8 -17.26 -11.63 17.31
C ARG B 8 -17.25 -10.75 16.06
N ILE B 9 -17.13 -11.34 14.88
CA ILE B 9 -17.23 -10.55 13.68
C ILE B 9 -18.55 -9.79 13.65
N ASN B 10 -19.66 -10.49 13.89
CA ASN B 10 -20.97 -9.82 13.96
C ASN B 10 -21.02 -8.79 15.11
N ALA B 11 -20.39 -9.13 16.23
CA ALA B 11 -20.31 -8.21 17.35
C ALA B 11 -19.62 -6.90 16.94
N ILE B 12 -18.60 -7.02 16.09
CA ILE B 12 -17.85 -5.86 15.58
C ILE B 12 -18.68 -4.96 14.68
N VAL B 13 -19.48 -5.53 13.77
CA VAL B 13 -20.32 -4.67 12.93
C VAL B 13 -21.37 -4.00 13.79
N ILE B 14 -22.00 -4.72 14.71
CA ILE B 14 -22.99 -4.09 15.59
C ILE B 14 -22.29 -3.04 16.46
N GLU B 15 -21.13 -3.40 17.00
CA GLU B 15 -20.40 -2.45 17.83
C GLU B 15 -19.93 -1.29 16.99
N GLY B 16 -19.44 -1.61 15.80
CA GLY B 16 -19.08 -0.60 14.81
C GLY B 16 -20.28 0.25 14.44
N GLU B 17 -21.43 -0.41 14.27
CA GLU B 17 -22.60 0.33 13.84
C GLU B 17 -23.08 1.22 14.98
N GLN B 18 -22.97 0.85 16.23
CA GLN B 18 -23.34 1.83 17.22
C GLN B 18 -22.39 3.02 17.22
N GLU B 19 -21.13 2.71 17.36
CA GLU B 19 -20.20 3.83 17.55
C GLU B 19 -20.63 4.83 16.52
N ALA B 20 -20.75 4.34 15.30
CA ALA B 20 -21.17 5.14 14.17
C ALA B 20 -22.49 5.85 14.46
N PHE B 21 -23.42 5.18 15.14
CA PHE B 21 -24.64 5.85 15.64
C PHE B 21 -24.40 7.07 16.54
N ASP B 22 -23.72 6.93 17.69
CA ASP B 22 -23.59 8.11 18.53
C ASP B 22 -22.52 9.00 17.89
N ASN B 23 -21.52 8.39 17.22
CA ASN B 23 -20.45 9.19 16.62
C ASN B 23 -21.00 10.26 15.67
N TYR B 24 -22.07 9.94 14.94
CA TYR B 24 -22.72 10.92 14.09
C TYR B 24 -23.62 11.86 14.95
N ASN B 25 -24.46 11.29 15.85
CA ASN B 25 -25.20 12.10 16.82
C ASN B 25 -24.27 13.09 17.53
N ARG B 26 -23.10 12.58 17.91
CA ARG B 26 -22.09 13.38 18.56
C ARG B 26 -21.58 14.39 17.57
N LEU B 27 -21.30 13.90 16.37
CA LEU B 27 -20.83 14.74 15.29
C LEU B 27 -21.89 15.78 14.95
N ALA B 28 -23.14 15.34 14.95
CA ALA B 28 -24.27 16.22 14.67
C ALA B 28 -24.22 17.56 15.39
N GLU B 29 -23.89 17.50 16.66
CA GLU B 29 -23.93 18.66 17.52
C GLU B 29 -22.86 19.64 17.23
N MET B 30 -21.61 19.25 17.33
CA MET B 30 -20.49 20.16 17.10
C MET B 30 -20.66 20.80 15.74
N LEU B 31 -21.43 20.16 14.91
CA LEU B 31 -21.68 20.65 13.60
C LEU B 31 -23.17 20.94 13.48
N PRO B 32 -23.55 22.17 13.80
CA PRO B 32 -24.96 22.56 13.91
C PRO B 32 -25.52 22.78 12.51
N ASP B 33 -24.65 23.15 11.59
CA ASP B 33 -24.98 23.42 10.19
C ASP B 33 -25.93 22.38 9.59
N GLN B 34 -25.55 21.11 9.71
CA GLN B 34 -26.25 20.04 9.02
C GLN B 34 -26.77 18.96 9.98
N ARG B 35 -27.29 19.39 11.12
CA ARG B 35 -27.41 18.43 12.20
C ARG B 35 -28.54 17.43 11.97
N ASP B 36 -29.61 17.82 11.29
CA ASP B 36 -30.65 16.81 11.07
C ASP B 36 -30.36 15.94 9.86
N GLU B 37 -29.50 16.36 8.95
CA GLU B 37 -29.09 15.41 7.93
C GLU B 37 -27.99 14.49 8.49
N LEU B 38 -27.32 14.94 9.55
CA LEU B 38 -26.43 14.06 10.31
C LEU B 38 -27.24 13.04 11.09
N HIS B 39 -28.16 13.52 11.93
CA HIS B 39 -29.11 12.64 12.62
C HIS B 39 -29.71 11.56 11.73
N LYS B 40 -29.96 11.87 10.45
CA LYS B 40 -30.46 10.82 9.58
C LYS B 40 -29.31 9.87 9.32
N LEU B 41 -28.09 10.38 9.11
CA LEU B 41 -26.95 9.44 9.07
C LEU B 41 -26.86 8.66 10.37
N ALA B 42 -26.91 9.36 11.48
CA ALA B 42 -26.89 8.72 12.77
C ALA B 42 -27.78 7.55 13.14
N LYS B 43 -29.08 7.70 13.01
CA LYS B 43 -29.95 6.65 13.47
C LYS B 43 -30.08 5.72 12.36
N MET B 44 -29.94 6.27 11.19
CA MET B 44 -30.08 5.36 10.08
C MET B 44 -29.31 4.11 10.38
N GLU B 45 -28.09 4.31 10.86
CA GLU B 45 -27.19 3.23 11.23
C GLU B 45 -27.83 2.27 12.23
N GLN B 46 -28.80 2.79 12.95
CA GLN B 46 -29.60 2.08 13.92
C GLN B 46 -30.30 0.86 13.29
N ARG B 47 -30.66 1.08 12.03
CA ARG B 47 -31.35 0.20 11.14
C ARG B 47 -30.44 -0.92 10.71
N HIS B 48 -29.19 -0.55 10.61
CA HIS B 48 -28.10 -1.43 10.18
C HIS B 48 -27.75 -2.32 11.40
N MET B 49 -27.61 -1.66 12.54
CA MET B 49 -27.35 -2.30 13.84
C MET B 49 -28.32 -3.44 14.09
N LYS B 50 -29.59 -3.06 14.03
CA LYS B 50 -30.71 -3.96 14.13
C LYS B 50 -30.59 -5.09 13.13
N GLY B 51 -30.32 -4.72 11.88
CA GLY B 51 -30.19 -5.67 10.79
C GLY B 51 -29.30 -6.85 11.06
N PHE B 52 -28.07 -6.57 11.50
CA PHE B 52 -27.06 -7.61 11.62
C PHE B 52 -27.27 -8.56 12.80
N MET B 53 -28.03 -8.14 13.81
CA MET B 53 -28.38 -9.04 14.90
C MET B 53 -29.19 -10.23 14.38
N ALA B 54 -30.21 -9.91 13.57
CA ALA B 54 -31.07 -10.90 12.95
C ALA B 54 -30.30 -11.97 12.16
N CYS B 55 -29.25 -11.57 11.46
CA CYS B 55 -28.49 -12.49 10.59
C CYS B 55 -27.69 -13.51 11.39
N GLY B 56 -27.42 -13.18 12.65
CA GLY B 56 -26.71 -14.05 13.55
C GLY B 56 -27.75 -15.00 14.17
N LYS B 57 -28.84 -14.41 14.65
CA LYS B 57 -29.95 -15.17 15.14
C LYS B 57 -30.44 -16.23 14.10
N ASN B 58 -30.38 -15.91 12.81
CA ASN B 58 -30.57 -16.94 11.78
C ASN B 58 -29.70 -18.14 12.12
N LEU B 59 -28.40 -17.91 12.32
CA LEU B 59 -27.51 -18.98 12.77
C LEU B 59 -27.56 -19.08 14.31
N SER B 60 -28.39 -18.25 14.92
CA SER B 60 -28.67 -18.30 16.35
C SER B 60 -27.43 -18.12 17.22
N VAL B 61 -26.92 -16.89 17.28
CA VAL B 61 -25.86 -16.57 18.23
C VAL B 61 -25.99 -15.28 19.04
N THR B 62 -25.59 -15.33 20.31
CA THR B 62 -25.50 -14.14 21.15
C THR B 62 -24.13 -13.48 20.88
N PRO B 63 -24.12 -12.19 20.52
CA PRO B 63 -22.80 -11.63 20.21
C PRO B 63 -21.92 -11.37 21.43
N ASP B 64 -20.61 -11.49 21.19
CA ASP B 64 -19.56 -11.28 22.16
C ASP B 64 -19.20 -9.81 22.08
N MET B 65 -20.06 -8.97 22.66
CA MET B 65 -19.87 -7.52 22.70
C MET B 65 -18.55 -7.15 23.37
N GLY B 66 -18.04 -8.06 24.19
CA GLY B 66 -16.78 -7.82 24.87
C GLY B 66 -15.61 -7.65 23.94
N PHE B 67 -15.41 -8.60 23.03
CA PHE B 67 -14.31 -8.54 22.09
C PHE B 67 -14.38 -7.29 21.23
N ALA B 68 -15.58 -7.01 20.75
CA ALA B 68 -15.84 -5.86 19.90
C ALA B 68 -15.44 -4.53 20.55
N GLN B 69 -15.88 -4.31 21.78
CA GLN B 69 -15.70 -3.02 22.41
C GLN B 69 -14.24 -2.63 22.54
N LYS B 70 -13.36 -3.63 22.63
CA LYS B 70 -11.92 -3.38 22.75
C LYS B 70 -11.25 -3.29 21.39
N PHE B 71 -11.90 -3.87 20.39
CA PHE B 71 -11.44 -3.84 19.02
C PHE B 71 -11.31 -2.43 18.50
N PHE B 72 -12.31 -1.62 18.80
CA PHE B 72 -12.39 -0.26 18.34
C PHE B 72 -11.79 0.75 19.29
N GLU B 73 -11.42 0.32 20.50
CA GLU B 73 -11.08 1.24 21.59
C GLU B 73 -10.12 2.36 21.14
N ARG B 74 -8.96 2.02 20.58
CA ARG B 74 -7.97 3.05 20.16
C ARG B 74 -8.56 4.10 19.21
N LEU B 75 -9.43 3.64 18.30
CA LEU B 75 -10.13 4.56 17.42
C LEU B 75 -11.13 5.41 18.20
N HIS B 76 -12.05 4.73 18.86
CA HIS B 76 -13.14 5.36 19.60
C HIS B 76 -12.60 6.43 20.55
N GLU B 77 -11.53 6.08 21.27
CA GLU B 77 -10.98 6.96 22.29
C GLU B 77 -10.25 8.15 21.69
N ASN B 78 -9.63 7.95 20.53
CA ASN B 78 -9.05 9.07 19.84
C ASN B 78 -10.13 9.94 19.26
N PHE B 79 -11.25 9.34 18.90
CA PHE B 79 -12.39 10.12 18.48
C PHE B 79 -12.85 10.94 19.66
N LYS B 80 -12.99 10.28 20.82
CA LYS B 80 -13.40 10.95 22.04
C LYS B 80 -12.52 12.12 22.40
N ALA B 81 -11.21 11.90 22.34
CA ALA B 81 -10.26 12.93 22.73
C ALA B 81 -10.19 14.15 21.81
N ALA B 82 -10.47 13.97 20.52
CA ALA B 82 -10.47 15.09 19.54
C ALA B 82 -11.79 15.87 19.49
N ALA B 83 -12.88 15.15 19.72
CA ALA B 83 -14.19 15.76 19.74
C ALA B 83 -14.26 16.83 20.81
N ALA B 84 -13.79 16.46 22.00
CA ALA B 84 -13.85 17.35 23.16
C ALA B 84 -12.94 18.55 22.95
N GLU B 85 -11.98 18.43 22.04
CA GLU B 85 -11.20 19.59 21.70
C GLU B 85 -11.66 20.25 20.40
N GLY B 86 -12.85 19.85 19.92
CA GLY B 86 -13.42 20.42 18.72
C GLY B 86 -12.56 20.45 17.47
N LYS B 87 -11.69 19.44 17.33
CA LYS B 87 -10.97 19.25 16.08
C LYS B 87 -11.87 18.35 15.26
N VAL B 88 -12.61 18.97 14.36
CA VAL B 88 -13.68 18.27 13.67
C VAL B 88 -13.12 17.48 12.50
N VAL B 89 -12.04 18.01 11.93
CA VAL B 89 -11.40 17.34 10.81
C VAL B 89 -11.00 15.92 11.19
N THR B 90 -10.24 15.80 12.28
CA THR B 90 -9.79 14.51 12.77
C THR B 90 -10.99 13.61 13.01
N CYS B 91 -12.08 14.17 13.52
CA CYS B 91 -13.27 13.36 13.76
C CYS B 91 -13.89 12.80 12.47
N LEU B 92 -13.94 13.64 11.44
CA LEU B 92 -14.48 13.29 10.14
C LEU B 92 -13.61 12.27 9.47
N LEU B 93 -12.29 12.41 9.66
CA LEU B 93 -11.39 11.44 9.12
C LEU B 93 -11.66 10.11 9.80
N ILE B 94 -11.75 10.14 11.12
CA ILE B 94 -11.99 8.87 11.82
C ILE B 94 -13.32 8.27 11.39
N GLN B 95 -14.45 8.93 11.50
CA GLN B 95 -15.70 8.24 11.17
C GLN B 95 -16.02 8.17 9.73
N SER B 96 -16.14 9.32 9.14
CA SER B 96 -16.60 9.37 7.79
C SER B 96 -15.65 8.61 6.83
N LEU B 97 -14.34 8.79 6.97
CA LEU B 97 -13.39 8.12 6.06
C LEU B 97 -12.88 6.75 6.47
N ILE B 98 -12.28 6.70 7.64
CA ILE B 98 -11.54 5.53 8.03
C ILE B 98 -12.53 4.41 8.29
N ILE B 99 -13.51 4.63 9.17
CA ILE B 99 -14.45 3.57 9.55
C ILE B 99 -15.38 3.19 8.41
N GLU B 100 -15.97 4.16 7.72
CA GLU B 100 -16.88 3.80 6.64
C GLU B 100 -16.15 3.08 5.49
N CYS B 101 -14.93 3.52 5.15
CA CYS B 101 -14.10 2.77 4.20
C CYS B 101 -13.82 1.37 4.70
N PHE B 102 -13.65 1.25 6.01
CA PHE B 102 -13.52 -0.04 6.64
C PHE B 102 -14.79 -0.88 6.43
N ALA B 103 -15.94 -0.29 6.77
CA ALA B 103 -17.21 -0.98 6.57
C ALA B 103 -17.41 -1.39 5.11
N ILE B 104 -17.18 -0.43 4.21
CA ILE B 104 -17.35 -0.69 2.79
C ILE B 104 -16.51 -1.89 2.38
N ALA B 105 -15.26 -1.90 2.85
CA ALA B 105 -14.32 -2.94 2.47
C ALA B 105 -14.77 -4.33 2.96
N ALA B 106 -15.29 -4.41 4.18
CA ALA B 106 -15.70 -5.69 4.75
C ALA B 106 -16.93 -6.31 4.06
N PHE B 107 -17.97 -5.49 3.93
CA PHE B 107 -19.22 -5.92 3.33
C PHE B 107 -19.03 -6.41 1.89
N ASN B 108 -18.31 -5.62 1.10
CA ASN B 108 -17.98 -6.02 -0.26
C ASN B 108 -17.31 -7.42 -0.30
N ILE B 109 -16.44 -7.72 0.65
CA ILE B 109 -15.80 -9.04 0.70
C ILE B 109 -16.71 -10.08 1.34
N TYR B 110 -17.64 -9.62 2.21
CA TYR B 110 -18.51 -10.57 2.91
C TYR B 110 -19.56 -11.13 1.98
N ILE B 111 -20.20 -10.25 1.21
CA ILE B 111 -21.26 -10.62 0.27
C ILE B 111 -20.99 -11.89 -0.55
N PRO B 112 -19.82 -12.00 -1.20
CA PRO B 112 -19.70 -13.19 -2.06
C PRO B 112 -19.62 -14.51 -1.28
N VAL B 113 -19.25 -14.49 0.01
CA VAL B 113 -19.25 -15.73 0.80
C VAL B 113 -20.22 -15.71 2.00
N ALA B 114 -21.10 -14.72 2.06
CA ALA B 114 -22.05 -14.57 3.15
C ALA B 114 -23.20 -15.54 3.01
N ASP B 115 -23.93 -15.79 4.10
CA ASP B 115 -25.13 -16.63 4.03
C ASP B 115 -26.33 -15.86 3.44
N ALA B 116 -27.09 -16.55 2.59
CA ALA B 116 -28.13 -15.96 1.73
C ALA B 116 -29.04 -14.95 2.42
N PHE B 117 -29.39 -15.18 3.69
CA PHE B 117 -30.27 -14.27 4.44
C PHE B 117 -29.60 -12.92 4.74
N ALA B 118 -28.34 -12.97 5.14
CA ALA B 118 -27.62 -11.74 5.44
C ALA B 118 -27.15 -11.09 4.14
N ARG B 119 -26.85 -11.92 3.15
CA ARG B 119 -26.30 -11.44 1.88
C ARG B 119 -27.27 -10.51 1.13
N LYS B 120 -28.55 -10.47 1.51
CA LYS B 120 -29.42 -9.44 0.95
C LYS B 120 -29.54 -8.28 1.97
N ILE B 121 -29.62 -8.62 3.26
CA ILE B 121 -29.70 -7.60 4.31
C ILE B 121 -28.45 -6.71 4.28
N THR B 122 -27.31 -7.29 3.90
CA THR B 122 -26.04 -6.59 3.72
C THR B 122 -26.10 -5.54 2.62
N GLU B 123 -26.67 -5.98 1.49
CA GLU B 123 -26.87 -5.17 0.31
C GLU B 123 -27.65 -3.90 0.63
N GLY B 124 -28.61 -4.04 1.55
CA GLY B 124 -29.38 -2.92 2.05
C GLY B 124 -28.51 -1.89 2.74
N VAL B 125 -27.54 -2.38 3.50
CA VAL B 125 -26.62 -1.52 4.24
C VAL B 125 -25.48 -0.87 3.43
N VAL B 126 -24.86 -1.65 2.56
CA VAL B 126 -23.61 -1.21 1.94
C VAL B 126 -23.76 -0.01 1.00
N ARG B 127 -24.88 0.09 0.28
CA ARG B 127 -25.18 1.30 -0.49
C ARG B 127 -25.00 2.57 0.36
N ASP B 128 -25.43 2.47 1.62
CA ASP B 128 -25.57 3.57 2.54
C ASP B 128 -24.26 4.07 3.13
N GLU B 129 -23.29 3.18 3.20
CA GLU B 129 -22.00 3.52 3.76
C GLU B 129 -21.18 4.48 2.87
N TYR B 130 -21.32 4.35 1.55
CA TYR B 130 -20.77 5.33 0.60
C TYR B 130 -21.31 6.76 0.83
N LEU B 131 -22.59 6.89 1.19
CA LEU B 131 -23.16 8.19 1.54
C LEU B 131 -22.58 8.78 2.81
N HIS B 132 -22.23 7.92 3.76
CA HIS B 132 -21.58 8.37 4.98
C HIS B 132 -20.19 8.93 4.64
N ARG B 133 -19.45 8.22 3.78
CA ARG B 133 -18.17 8.70 3.26
C ARG B 133 -18.36 10.07 2.58
N ASN B 134 -19.51 10.23 1.91
CA ASN B 134 -19.94 11.47 1.27
C ASN B 134 -19.89 12.71 2.15
N PHE B 135 -20.38 12.61 3.37
CA PHE B 135 -20.47 13.79 4.21
C PHE B 135 -19.07 14.35 4.51
N GLY B 136 -18.19 13.46 4.98
CA GLY B 136 -16.84 13.84 5.29
C GLY B 136 -16.12 14.27 4.05
N GLU B 137 -16.32 13.52 2.96
CA GLU B 137 -15.70 13.85 1.70
C GLU B 137 -16.11 15.20 1.17
N GLU B 138 -17.41 15.50 1.20
CA GLU B 138 -17.87 16.82 0.73
C GLU B 138 -17.34 17.89 1.68
N TRP B 139 -17.48 17.68 2.98
CA TRP B 139 -17.11 18.69 3.96
C TRP B 139 -15.62 18.98 3.85
N LEU B 140 -14.83 17.92 3.83
CA LEU B 140 -13.39 18.06 3.79
C LEU B 140 -12.91 18.65 2.44
N LYS B 141 -13.54 18.26 1.34
CA LYS B 141 -13.22 18.82 0.03
C LYS B 141 -13.49 20.33 0.03
N ALA B 142 -14.61 20.69 0.62
CA ALA B 142 -15.05 22.07 0.70
C ALA B 142 -14.18 22.89 1.62
N ASN B 143 -13.58 22.24 2.60
CA ASN B 143 -12.76 22.98 3.55
C ASN B 143 -11.30 22.53 3.52
N PHE B 144 -10.84 22.14 2.32
CA PHE B 144 -9.54 21.51 2.16
C PHE B 144 -8.35 22.24 2.81
N ASP B 145 -8.25 23.55 2.58
CA ASP B 145 -7.08 24.31 3.00
C ASP B 145 -6.82 24.38 4.53
N ALA B 146 -7.88 24.68 5.28
CA ALA B 146 -7.81 24.68 6.73
C ALA B 146 -7.64 23.26 7.27
N SER B 147 -8.19 22.30 6.53
CA SER B 147 -8.28 20.93 6.99
C SER B 147 -7.04 20.10 6.62
N LYS B 148 -6.20 20.60 5.72
CA LYS B 148 -5.21 19.72 5.10
C LYS B 148 -4.14 19.19 6.08
N ALA B 149 -3.54 20.08 6.87
CA ALA B 149 -2.48 19.68 7.81
C ALA B 149 -2.91 18.68 8.88
N GLU B 150 -4.11 18.88 9.42
CA GLU B 150 -4.60 17.99 10.45
C GLU B 150 -5.01 16.63 9.85
N LEU B 151 -5.43 16.63 8.60
CA LEU B 151 -5.70 15.38 7.90
C LEU B 151 -4.47 14.47 7.91
N GLU B 152 -3.36 14.99 7.39
CA GLU B 152 -2.08 14.29 7.44
C GLU B 152 -1.70 13.88 8.86
N GLU B 153 -1.93 14.75 9.84
CA GLU B 153 -1.59 14.32 11.18
C GLU B 153 -2.58 13.27 11.72
N ALA B 154 -3.89 13.48 11.53
CA ALA B 154 -4.87 12.49 11.97
C ALA B 154 -4.69 11.17 11.23
N ASN B 155 -4.18 11.25 10.00
CA ASN B 155 -3.87 10.04 9.22
C ASN B 155 -2.77 9.20 9.87
N ARG B 156 -1.65 9.82 10.18
CA ARG B 156 -0.56 9.15 10.89
C ARG B 156 -1.02 8.71 12.27
N GLN B 157 -1.98 9.42 12.85
CA GLN B 157 -2.45 9.09 14.24
C GLN B 157 -3.26 7.82 14.21
N ASN B 158 -4.17 7.64 13.25
CA ASN B 158 -5.05 6.44 13.27
C ASN B 158 -4.97 5.36 12.13
N LEU B 159 -4.42 5.67 10.95
CA LEU B 159 -4.40 4.67 9.88
C LEU B 159 -3.60 3.45 10.29
N PRO B 160 -2.47 3.65 11.03
CA PRO B 160 -1.79 2.44 11.51
C PRO B 160 -2.60 1.52 12.40
N LEU B 161 -3.45 2.04 13.27
CA LEU B 161 -4.23 1.15 14.13
C LEU B 161 -5.36 0.48 13.37
N VAL B 162 -5.63 0.92 12.13
CA VAL B 162 -6.63 0.24 11.32
C VAL B 162 -6.13 -1.13 10.87
N TRP B 163 -4.86 -1.20 10.47
CA TRP B 163 -4.27 -2.49 10.04
C TRP B 163 -4.16 -3.52 11.18
N LEU B 164 -3.97 -3.05 12.42
CA LEU B 164 -4.02 -3.89 13.62
C LEU B 164 -5.43 -4.49 13.84
N MET B 165 -6.43 -3.67 13.56
CA MET B 165 -7.82 -4.12 13.60
C MET B 165 -8.00 -5.24 12.59
N LEU B 166 -7.48 -5.02 11.38
CA LEU B 166 -7.57 -6.01 10.32
C LEU B 166 -6.82 -7.32 10.61
N ASN B 167 -5.75 -7.24 11.39
CA ASN B 167 -5.00 -8.45 11.70
C ASN B 167 -5.60 -9.23 12.89
N GLU B 168 -6.23 -8.54 13.84
CA GLU B 168 -6.93 -9.29 14.89
C GLU B 168 -8.08 -10.05 14.24
N VAL B 169 -8.94 -9.41 13.48
CA VAL B 169 -9.97 -10.18 12.82
C VAL B 169 -9.54 -11.43 12.07
N ALA B 170 -8.47 -11.25 11.35
CA ALA B 170 -8.02 -11.98 10.15
C ALA B 170 -8.49 -13.44 10.35
N ASP B 171 -8.15 -14.04 11.49
CA ASP B 171 -8.40 -15.47 11.70
C ASP B 171 -9.88 -15.79 11.80
N ASP B 172 -10.61 -15.11 12.68
CA ASP B 172 -12.04 -15.34 12.75
C ASP B 172 -12.75 -14.93 11.44
N ALA B 173 -12.00 -14.30 10.54
CA ALA B 173 -12.51 -13.90 9.22
C ALA B 173 -12.32 -14.91 8.09
N ARG B 174 -11.19 -15.64 8.10
CA ARG B 174 -10.91 -16.61 7.04
C ARG B 174 -11.95 -17.71 7.03
N GLU B 175 -12.32 -18.18 8.21
CA GLU B 175 -13.30 -19.26 8.26
C GLU B 175 -14.70 -18.73 7.97
N LEU B 176 -14.87 -17.42 7.95
CA LEU B 176 -16.08 -16.84 7.35
C LEU B 176 -15.92 -16.78 5.84
N GLY B 177 -14.78 -17.26 5.33
CA GLY B 177 -14.52 -17.31 3.90
C GLY B 177 -14.09 -15.96 3.38
N MET B 178 -13.62 -15.12 4.30
CA MET B 178 -13.11 -13.80 3.94
C MET B 178 -11.59 -13.77 4.02
N GLU B 179 -10.89 -13.69 2.90
CA GLU B 179 -9.43 -13.61 3.01
C GLU B 179 -8.99 -12.16 3.11
N ARG B 180 -8.15 -11.90 4.11
CA ARG B 180 -7.75 -10.54 4.48
C ARG B 180 -7.03 -9.80 3.35
N GLU B 181 -6.24 -10.52 2.56
CA GLU B 181 -5.52 -9.94 1.45
C GLU B 181 -6.48 -9.09 0.58
N SER B 182 -7.69 -9.61 0.41
CA SER B 182 -8.76 -8.90 -0.28
C SER B 182 -9.32 -7.68 0.49
N LEU B 183 -9.46 -7.84 1.81
CA LEU B 183 -9.94 -6.79 2.72
C LEU B 183 -9.01 -5.57 2.74
N VAL B 184 -7.70 -5.81 2.69
CA VAL B 184 -6.73 -4.72 2.72
C VAL B 184 -6.83 -3.97 1.43
N GLU B 185 -6.84 -4.69 0.32
CA GLU B 185 -7.02 -4.06 -0.97
C GLU B 185 -8.21 -3.15 -0.97
N ASP B 186 -9.36 -3.65 -0.54
CA ASP B 186 -10.59 -2.88 -0.67
C ASP B 186 -10.62 -1.68 0.24
N PHE B 187 -9.90 -1.74 1.36
CA PHE B 187 -9.83 -0.62 2.28
C PHE B 187 -8.95 0.49 1.70
N MET B 188 -7.77 0.07 1.24
CA MET B 188 -6.81 0.93 0.58
C MET B 188 -7.43 1.70 -0.58
N ILE B 189 -8.17 0.96 -1.42
CA ILE B 189 -8.86 1.49 -2.57
C ILE B 189 -9.98 2.45 -2.20
N ALA B 190 -10.76 2.03 -1.22
CA ALA B 190 -11.81 2.86 -0.74
C ALA B 190 -11.21 4.11 -0.10
N TYR B 191 -10.27 3.90 0.83
CA TYR B 191 -9.69 5.02 1.55
C TYR B 191 -8.88 5.89 0.63
N GLY B 192 -8.14 5.24 -0.27
CA GLY B 192 -7.43 5.93 -1.32
C GLY B 192 -8.35 6.82 -2.12
N GLU B 193 -9.51 6.28 -2.50
CA GLU B 193 -10.53 7.07 -3.22
C GLU B 193 -11.04 8.29 -2.46
N ALA B 194 -11.24 8.18 -1.14
CA ALA B 194 -11.61 9.32 -0.32
C ALA B 194 -10.57 10.46 -0.32
N LEU B 195 -9.29 10.12 -0.13
CA LEU B 195 -8.19 11.08 -0.15
C LEU B 195 -8.15 11.87 -1.49
N GLU B 196 -8.23 11.15 -2.61
CA GLU B 196 -8.34 11.78 -3.93
C GLU B 196 -9.51 12.78 -4.08
N ASN B 197 -10.73 12.32 -3.82
CA ASN B 197 -11.87 13.20 -3.95
C ASN B 197 -11.72 14.46 -3.11
N ILE B 198 -11.13 14.33 -1.92
CA ILE B 198 -10.89 15.48 -1.04
C ILE B 198 -10.08 16.57 -1.71
N GLY B 199 -9.06 16.16 -2.49
CA GLY B 199 -8.21 17.10 -3.18
C GLY B 199 -6.74 16.73 -3.13
N PHE B 200 -6.43 15.61 -2.49
CA PHE B 200 -5.05 15.16 -2.38
C PHE B 200 -4.55 14.67 -3.73
N THR B 201 -3.26 14.92 -4.02
CA THR B 201 -2.59 14.52 -5.25
C THR B 201 -2.12 13.09 -5.10
N THR B 202 -1.61 12.53 -6.18
CA THR B 202 -1.18 11.14 -6.13
C THR B 202 -0.01 10.91 -5.16
N ARG B 203 0.96 11.81 -5.10
CA ARG B 203 2.09 11.59 -4.18
C ARG B 203 1.65 11.65 -2.75
N GLU B 204 0.83 12.68 -2.50
CA GLU B 204 0.26 12.91 -1.19
C GLU B 204 -0.39 11.63 -0.69
N ILE B 205 -1.24 11.07 -1.54
CA ILE B 205 -1.95 9.88 -1.15
C ILE B 205 -0.97 8.73 -0.88
N MET B 206 0.04 8.58 -1.74
CA MET B 206 1.04 7.52 -1.61
C MET B 206 1.81 7.55 -0.29
N ARG B 207 2.06 8.72 0.30
CA ARG B 207 2.69 8.73 1.63
C ARG B 207 1.69 8.37 2.73
N MET B 208 0.44 8.79 2.56
CA MET B 208 -0.56 8.63 3.60
C MET B 208 -1.02 7.20 3.70
N SER B 209 -1.07 6.48 2.58
CA SER B 209 -1.27 5.03 2.60
C SER B 209 -0.09 4.29 3.21
N ALA B 210 1.12 4.75 2.88
CA ALA B 210 2.35 4.07 3.29
C ALA B 210 2.64 4.13 4.79
N TYR B 211 1.71 4.70 5.55
CA TYR B 211 1.81 4.70 6.99
C TYR B 211 1.16 3.44 7.58
N GLY B 212 0.91 2.46 6.69
CA GLY B 212 0.47 1.13 7.06
C GLY B 212 1.55 0.06 7.21
FE FE2 C . 19.77 0.24 -13.85
FE FE2 D . 22.40 -0.34 -12.33
FE FE2 E . -21.94 4.06 8.67
FE FE2 F . -23.41 1.79 9.14
#